data_1P99
#
_entry.id   1P99
#
_cell.length_a   40.496
_cell.length_b   73.883
_cell.length_c   92.246
_cell.angle_alpha   90.00
_cell.angle_beta   90.00
_cell.angle_gamma   90.00
#
_symmetry.space_group_name_H-M   'P 21 21 21'
#
loop_
_entity.id
_entity.type
_entity.pdbx_description
1 polymer 'Hypothetical protein PG110'
2 non-polymer GLYCINE
3 non-polymer METHIONINE
4 water water
#
_entity_poly.entity_id   1
_entity_poly.type   'polypeptide(L)'
_entity_poly.pdbx_seq_one_letter_code
;MGHHHHHHDYDIPTTENLYFQGAHMGIQRPTSTGSNNDKKVTIGVASNDTKAWEKVKELAKKDDIDVEIKHFSDYNLPNK
ALNDGDIDMNAFQHFAFLDQYKKAHKGTKISALSTTVLAPLGIYSDKIKDVKKVKDGAKVVIPNDVSNQARALKLLEAAG
LIKLKKDFGLAGTVKDITSNPKHLKITAVDAQQTARALSDVDIAVINNGVATKAGKDPKNDPIFLEKSNSDAVKPYINIV
AVNDKDLDNKTYAKIVELYHSKEAQKALQEDVKDGEKPVNLSKDEIKAIETSLAK
;
_entity_poly.pdbx_strand_id   A
#
# COMPACT_ATOMS: atom_id res chain seq x y z
N LYS A 40 7.83 -21.79 12.22
CA LYS A 40 7.68 -21.07 13.52
C LYS A 40 7.34 -19.59 13.36
N VAL A 41 7.28 -19.11 12.13
CA VAL A 41 6.94 -17.71 11.86
C VAL A 41 5.98 -17.60 10.67
N THR A 42 4.78 -17.07 10.92
CA THR A 42 3.78 -16.91 9.86
C THR A 42 3.62 -15.43 9.50
N ILE A 43 3.86 -15.14 8.23
CA ILE A 43 3.78 -13.78 7.69
C ILE A 43 2.52 -13.63 6.83
N GLY A 44 1.69 -12.64 7.16
CA GLY A 44 0.50 -12.42 6.36
C GLY A 44 0.73 -11.39 5.27
N VAL A 45 0.29 -11.70 4.05
CA VAL A 45 0.43 -10.77 2.92
C VAL A 45 -0.92 -10.66 2.22
N ALA A 46 -1.07 -9.66 1.35
CA ALA A 46 -2.33 -9.43 0.65
C ALA A 46 -2.14 -9.16 -0.85
N SER A 47 -0.94 -9.45 -1.36
CA SER A 47 -0.64 -9.27 -2.77
C SER A 47 0.23 -10.43 -3.26
N ASN A 48 0.37 -10.54 -4.57
CA ASN A 48 1.12 -11.64 -5.19
C ASN A 48 2.62 -11.41 -5.38
N ASP A 49 3.11 -10.24 -4.99
CA ASP A 49 4.54 -9.93 -5.12
C ASP A 49 5.26 -10.49 -3.90
N THR A 50 5.41 -11.82 -3.89
CA THR A 50 6.04 -12.52 -2.76
C THR A 50 7.36 -13.24 -3.01
N LYS A 51 8.04 -12.97 -4.12
CA LYS A 51 9.31 -13.63 -4.40
C LYS A 51 10.31 -13.35 -3.28
N ALA A 52 10.34 -12.10 -2.82
CA ALA A 52 11.25 -11.71 -1.75
C ALA A 52 11.00 -12.55 -0.49
N TRP A 53 9.74 -12.70 -0.10
CA TRP A 53 9.42 -13.47 1.09
C TRP A 53 9.70 -14.96 0.89
N GLU A 54 9.54 -15.43 -0.34
CA GLU A 54 9.81 -16.83 -0.64
C GLU A 54 11.31 -17.07 -0.44
N LYS A 55 12.11 -16.12 -0.90
CA LYS A 55 13.56 -16.21 -0.74
C LYS A 55 13.90 -16.19 0.75
N VAL A 56 13.21 -15.33 1.51
CA VAL A 56 13.44 -15.23 2.95
C VAL A 56 13.16 -16.58 3.60
N LYS A 57 12.08 -17.23 3.18
CA LYS A 57 11.70 -18.52 3.73
C LYS A 57 12.84 -19.51 3.47
N GLU A 58 13.31 -19.51 2.22
CA GLU A 58 14.39 -20.37 1.75
C GLU A 58 15.64 -20.17 2.62
N LEU A 59 16.03 -18.91 2.84
CA LEU A 59 17.20 -18.58 3.64
C LEU A 59 17.04 -18.80 5.14
N ALA A 60 15.84 -18.58 5.66
CA ALA A 60 15.58 -18.75 7.08
C ALA A 60 15.81 -20.17 7.59
N LYS A 61 15.62 -21.15 6.71
CA LYS A 61 15.82 -22.56 7.09
C LYS A 61 17.20 -22.75 7.69
N LYS A 62 18.20 -22.15 7.07
CA LYS A 62 19.58 -22.24 7.52
C LYS A 62 19.77 -21.74 8.94
N ASP A 63 18.78 -20.99 9.45
CA ASP A 63 18.83 -20.45 10.80
C ASP A 63 17.83 -21.18 11.68
N ASP A 64 17.36 -22.34 11.20
CA ASP A 64 16.37 -23.13 11.92
C ASP A 64 15.11 -22.32 12.21
N ILE A 65 14.65 -21.62 11.17
CA ILE A 65 13.44 -20.82 11.25
C ILE A 65 12.56 -21.24 10.08
N ASP A 66 11.35 -21.67 10.40
CA ASP A 66 10.41 -22.09 9.37
C ASP A 66 9.38 -21.00 9.10
N VAL A 67 9.52 -20.34 7.97
CA VAL A 67 8.63 -19.26 7.58
C VAL A 67 7.45 -19.79 6.78
N GLU A 68 6.26 -19.26 7.07
CA GLU A 68 5.05 -19.65 6.37
C GLU A 68 4.36 -18.37 5.90
N ILE A 69 4.13 -18.27 4.60
CA ILE A 69 3.48 -17.10 4.03
C ILE A 69 1.98 -17.34 3.89
N LYS A 70 1.20 -16.53 4.58
CA LYS A 70 -0.25 -16.66 4.52
C LYS A 70 -0.86 -15.49 3.74
N HIS A 71 -1.60 -15.80 2.67
CA HIS A 71 -2.22 -14.77 1.85
C HIS A 71 -3.63 -14.41 2.30
N PHE A 72 -3.97 -13.13 2.23
CA PHE A 72 -5.30 -12.66 2.63
C PHE A 72 -5.98 -11.96 1.45
N SER A 73 -7.29 -12.12 1.34
CA SER A 73 -8.05 -11.57 0.23
C SER A 73 -8.29 -10.07 0.17
N ASP A 74 -8.14 -9.37 1.29
CA ASP A 74 -8.32 -7.93 1.30
C ASP A 74 -7.54 -7.27 2.43
N TYR A 75 -7.58 -5.94 2.48
CA TYR A 75 -6.84 -5.19 3.49
C TYR A 75 -7.42 -5.20 4.90
N ASN A 76 -8.63 -5.70 5.05
CA ASN A 76 -9.30 -5.70 6.33
C ASN A 76 -9.09 -6.92 7.21
N LEU A 77 -8.34 -7.90 6.72
CA LEU A 77 -8.16 -9.11 7.50
C LEU A 77 -6.82 -9.30 8.19
N PRO A 78 -5.72 -8.90 7.52
CA PRO A 78 -4.40 -9.08 8.12
C PRO A 78 -4.10 -8.48 9.49
N ASN A 79 -4.65 -7.31 9.80
CA ASN A 79 -4.36 -6.72 11.12
C ASN A 79 -5.09 -7.43 12.25
N LYS A 80 -6.31 -7.91 11.97
CA LYS A 80 -7.05 -8.63 13.00
C LYS A 80 -6.35 -9.97 13.23
N ALA A 81 -5.89 -10.59 12.15
CA ALA A 81 -5.20 -11.87 12.26
C ALA A 81 -3.94 -11.72 13.11
N LEU A 82 -3.25 -10.60 12.93
CA LEU A 82 -2.03 -10.34 13.68
C LEU A 82 -2.34 -10.05 15.15
N ASN A 83 -3.40 -9.27 15.36
CA ASN A 83 -3.80 -8.91 16.70
C ASN A 83 -4.29 -10.16 17.47
N ASP A 84 -4.86 -11.11 16.74
CA ASP A 84 -5.37 -12.32 17.37
C ASP A 84 -4.35 -13.45 17.45
N GLY A 85 -3.13 -13.18 16.99
CA GLY A 85 -2.10 -14.20 17.06
C GLY A 85 -2.18 -15.28 15.98
N ASP A 86 -3.07 -15.11 15.01
CA ASP A 86 -3.18 -16.09 13.92
C ASP A 86 -1.91 -16.07 13.08
N ILE A 87 -1.28 -14.91 12.99
CA ILE A 87 -0.03 -14.73 12.26
C ILE A 87 0.92 -13.96 13.17
N ASP A 88 2.22 -14.04 12.88
CA ASP A 88 3.22 -13.37 13.70
C ASP A 88 3.56 -11.95 13.25
N MET A 89 3.39 -11.70 11.95
CA MET A 89 3.67 -10.39 11.38
C MET A 89 2.96 -10.30 10.04
N ASN A 90 2.75 -9.09 9.55
CA ASN A 90 2.14 -8.97 8.24
C ASN A 90 2.94 -7.94 7.44
N ALA A 91 2.79 -8.00 6.13
CA ALA A 91 3.50 -7.10 5.23
C ALA A 91 2.57 -6.87 4.07
N PHE A 92 1.70 -5.87 4.19
CA PHE A 92 0.73 -5.57 3.14
C PHE A 92 0.26 -4.12 3.16
N GLN A 93 0.58 -3.39 4.22
CA GLN A 93 0.09 -2.03 4.36
C GLN A 93 1.17 -0.97 4.51
N HIS A 94 0.75 0.30 4.44
CA HIS A 94 1.66 1.41 4.62
C HIS A 94 1.37 2.07 5.97
N PHE A 95 2.22 3.02 6.37
CA PHE A 95 2.07 3.72 7.65
C PHE A 95 0.69 4.35 7.87
N ALA A 96 0.17 5.05 6.87
CA ALA A 96 -1.13 5.71 6.97
C ALA A 96 -2.28 4.72 7.22
N PHE A 97 -2.27 3.61 6.49
CA PHE A 97 -3.32 2.62 6.66
C PHE A 97 -3.30 2.07 8.08
N LEU A 98 -2.12 1.72 8.59
CA LEU A 98 -1.99 1.19 9.95
C LEU A 98 -2.43 2.24 10.96
N ASP A 99 -2.03 3.49 10.74
CA ASP A 99 -2.39 4.58 11.63
C ASP A 99 -3.91 4.69 11.76
N GLN A 100 -4.59 4.70 10.61
CA GLN A 100 -6.04 4.80 10.61
C GLN A 100 -6.68 3.56 11.23
N TYR A 101 -6.07 2.40 10.99
CA TYR A 101 -6.61 1.17 11.55
C TYR A 101 -6.55 1.25 13.07
N LYS A 102 -5.44 1.73 13.59
CA LYS A 102 -5.29 1.85 15.04
C LYS A 102 -6.23 2.88 15.63
N LYS A 103 -6.51 3.93 14.86
CA LYS A 103 -7.42 4.96 15.33
C LYS A 103 -8.84 4.41 15.38
N ALA A 104 -9.13 3.44 14.51
CA ALA A 104 -10.46 2.84 14.47
C ALA A 104 -10.56 1.65 15.41
N HIS A 105 -9.43 1.17 15.91
CA HIS A 105 -9.42 0.02 16.81
C HIS A 105 -8.47 0.29 17.97
N LYS A 106 -8.92 1.12 18.90
CA LYS A 106 -8.13 1.51 20.07
C LYS A 106 -7.50 0.35 20.85
N GLY A 107 -8.08 -0.83 20.73
CA GLY A 107 -7.54 -1.99 21.44
C GLY A 107 -6.41 -2.71 20.71
N THR A 108 -5.93 -2.14 19.61
CA THR A 108 -4.86 -2.78 18.83
C THR A 108 -3.50 -2.11 19.00
N LYS A 109 -2.55 -2.86 19.52
CA LYS A 109 -1.19 -2.38 19.73
C LYS A 109 -0.25 -3.04 18.74
N ILE A 110 -0.25 -2.52 17.52
CA ILE A 110 0.58 -3.02 16.44
C ILE A 110 1.46 -1.88 15.92
N SER A 111 2.71 -2.19 15.57
CA SER A 111 3.61 -1.18 15.06
C SER A 111 4.52 -1.72 13.95
N ALA A 112 5.15 -0.80 13.23
CA ALA A 112 6.04 -1.13 12.15
C ALA A 112 7.38 -1.60 12.69
N LEU A 113 7.85 -2.73 12.20
CA LEU A 113 9.13 -3.27 12.63
C LEU A 113 10.18 -2.92 11.60
N SER A 114 9.77 -2.93 10.33
CA SER A 114 10.68 -2.66 9.22
C SER A 114 9.86 -2.10 8.05
N THR A 115 10.51 -1.43 7.11
CA THR A 115 9.82 -0.94 5.92
C THR A 115 10.15 -1.91 4.80
N THR A 116 9.30 -1.96 3.78
CA THR A 116 9.55 -2.88 2.68
C THR A 116 9.72 -2.15 1.36
N VAL A 117 8.63 -1.60 0.86
CA VAL A 117 8.67 -0.91 -0.42
C VAL A 117 7.72 0.27 -0.47
N LEU A 118 7.96 1.12 -1.47
CA LEU A 118 7.09 2.23 -1.75
C LEU A 118 6.44 1.66 -3.03
N ALA A 119 5.12 1.63 -3.09
CA ALA A 119 4.41 1.10 -4.25
C ALA A 119 3.47 2.18 -4.76
N PRO A 120 3.98 3.05 -5.65
CA PRO A 120 3.23 4.16 -6.23
C PRO A 120 1.83 3.83 -6.71
N LEU A 121 0.90 4.71 -6.36
CA LEU A 121 -0.49 4.61 -6.75
C LEU A 121 -0.60 5.09 -8.18
N GLY A 122 -1.59 4.60 -8.92
CA GLY A 122 -1.72 5.04 -10.29
C GLY A 122 -3.15 5.18 -10.78
N ILE A 123 -3.33 6.04 -11.79
CA ILE A 123 -4.63 6.24 -12.41
C ILE A 123 -4.62 5.35 -13.67
N TYR A 124 -5.66 4.55 -13.84
CA TYR A 124 -5.79 3.62 -14.97
C TYR A 124 -7.08 3.89 -15.77
N SER A 125 -7.09 3.40 -17.01
CA SER A 125 -8.26 3.56 -17.87
C SER A 125 -8.16 2.66 -19.10
N ASP A 126 -9.25 1.99 -19.44
CA ASP A 126 -9.26 1.14 -20.63
C ASP A 126 -9.91 1.89 -21.80
N LYS A 127 -10.13 3.19 -21.61
CA LYS A 127 -10.79 4.02 -22.64
C LYS A 127 -9.98 5.21 -23.13
N ILE A 128 -9.32 5.91 -22.22
CA ILE A 128 -8.51 7.07 -22.58
C ILE A 128 -7.11 6.90 -21.96
N LYS A 129 -6.08 7.09 -22.77
CA LYS A 129 -4.70 6.94 -22.27
C LYS A 129 -3.96 8.25 -22.03
N ASP A 130 -4.66 9.37 -22.20
CA ASP A 130 -4.06 10.67 -21.98
C ASP A 130 -4.87 11.30 -20.86
N VAL A 131 -4.29 11.34 -19.67
CA VAL A 131 -5.00 11.89 -18.51
C VAL A 131 -5.53 13.30 -18.74
N LYS A 132 -4.97 14.01 -19.71
CA LYS A 132 -5.42 15.38 -19.99
C LYS A 132 -6.64 15.41 -20.89
N LYS A 133 -7.01 14.25 -21.41
CA LYS A 133 -8.17 14.18 -22.29
C LYS A 133 -9.31 13.31 -21.74
N VAL A 134 -9.50 13.35 -20.42
CA VAL A 134 -10.58 12.60 -19.80
C VAL A 134 -11.86 13.36 -20.14
N LYS A 135 -12.86 12.65 -20.67
CA LYS A 135 -14.10 13.29 -21.07
C LYS A 135 -14.94 13.82 -19.89
N ASP A 136 -15.66 14.90 -20.17
CA ASP A 136 -16.52 15.54 -19.18
C ASP A 136 -17.57 14.51 -18.77
N GLY A 137 -17.85 14.43 -17.47
CA GLY A 137 -18.85 13.49 -16.98
C GLY A 137 -18.36 12.07 -16.78
N ALA A 138 -17.06 11.85 -16.95
CA ALA A 138 -16.49 10.52 -16.78
C ALA A 138 -16.72 9.91 -15.40
N LYS A 139 -16.93 8.60 -15.35
CA LYS A 139 -17.12 7.89 -14.09
C LYS A 139 -15.73 7.54 -13.51
N VAL A 140 -15.52 7.84 -12.23
CA VAL A 140 -14.25 7.59 -11.56
C VAL A 140 -14.41 6.74 -10.31
N VAL A 141 -13.55 5.73 -10.16
CA VAL A 141 -13.61 4.86 -8.99
C VAL A 141 -12.30 4.97 -8.21
N ILE A 142 -12.42 5.05 -6.88
CA ILE A 142 -11.28 5.15 -5.98
C ILE A 142 -11.51 4.25 -4.75
N PRO A 143 -10.42 3.93 -4.01
CA PRO A 143 -10.55 3.08 -2.82
C PRO A 143 -11.41 3.81 -1.78
N ASN A 144 -12.10 3.05 -0.92
CA ASN A 144 -12.95 3.70 0.07
C ASN A 144 -12.42 3.80 1.50
N ASP A 145 -11.28 3.17 1.81
CA ASP A 145 -10.76 3.27 3.16
C ASP A 145 -10.16 4.67 3.36
N VAL A 146 -10.18 5.16 4.60
CA VAL A 146 -9.71 6.50 4.91
C VAL A 146 -8.41 6.95 4.26
N SER A 147 -7.30 6.25 4.50
CA SER A 147 -6.03 6.66 3.96
C SER A 147 -5.85 6.53 2.44
N ASN A 148 -6.33 5.44 1.85
CA ASN A 148 -6.17 5.30 0.41
C ASN A 148 -7.14 6.17 -0.37
N GLN A 149 -8.27 6.49 0.23
CA GLN A 149 -9.25 7.35 -0.42
C GLN A 149 -8.64 8.76 -0.51
N ALA A 150 -8.09 9.25 0.59
CA ALA A 150 -7.49 10.58 0.59
C ALA A 150 -6.33 10.63 -0.40
N ARG A 151 -5.53 9.56 -0.38
CA ARG A 151 -4.38 9.41 -1.25
C ARG A 151 -4.80 9.44 -2.71
N ALA A 152 -5.91 8.76 -3.01
CA ALA A 152 -6.45 8.70 -4.37
C ALA A 152 -6.93 10.07 -4.81
N LEU A 153 -7.61 10.79 -3.94
CA LEU A 153 -8.11 12.13 -4.28
C LEU A 153 -6.93 13.06 -4.59
N LYS A 154 -5.86 12.96 -3.80
CA LYS A 154 -4.67 13.78 -4.03
C LYS A 154 -4.07 13.47 -5.40
N LEU A 155 -4.11 12.20 -5.80
CA LEU A 155 -3.56 11.80 -7.09
C LEU A 155 -4.40 12.40 -8.23
N LEU A 156 -5.73 12.38 -8.07
CA LEU A 156 -6.61 12.97 -9.07
C LEU A 156 -6.29 14.46 -9.20
N GLU A 157 -5.98 15.08 -8.07
CA GLU A 157 -5.62 16.49 -8.04
C GLU A 157 -4.27 16.70 -8.74
N ALA A 158 -3.31 15.83 -8.48
CA ALA A 158 -2.00 15.94 -9.10
C ALA A 158 -2.10 15.78 -10.61
N ALA A 159 -3.10 15.02 -11.07
CA ALA A 159 -3.31 14.81 -12.50
C ALA A 159 -4.06 15.98 -13.09
N GLY A 160 -4.45 16.94 -12.25
CA GLY A 160 -5.18 18.10 -12.72
C GLY A 160 -6.65 17.85 -13.01
N LEU A 161 -7.21 16.78 -12.46
CA LEU A 161 -8.61 16.44 -12.68
C LEU A 161 -9.57 17.12 -11.71
N ILE A 162 -9.12 17.38 -10.49
CA ILE A 162 -9.97 18.04 -9.49
C ILE A 162 -9.12 18.94 -8.61
N LYS A 163 -9.79 19.73 -7.77
CA LYS A 163 -9.11 20.61 -6.83
C LYS A 163 -9.64 20.30 -5.44
N LEU A 164 -8.73 20.23 -4.48
CA LEU A 164 -9.09 19.93 -3.11
C LEU A 164 -8.81 21.15 -2.25
N LYS A 165 -9.46 21.24 -1.08
CA LYS A 165 -9.22 22.36 -0.17
C LYS A 165 -7.72 22.43 0.11
N LYS A 166 -7.20 23.65 0.24
CA LYS A 166 -5.78 23.86 0.47
C LYS A 166 -5.21 23.04 1.63
N ASP A 167 -6.01 22.80 2.65
CA ASP A 167 -5.55 22.05 3.80
C ASP A 167 -6.00 20.59 3.80
N PHE A 168 -6.24 20.03 2.62
CA PHE A 168 -6.65 18.62 2.50
C PHE A 168 -5.59 17.78 3.24
N GLY A 169 -6.03 17.01 4.22
CA GLY A 169 -5.09 16.19 4.98
C GLY A 169 -5.00 14.74 4.54
N LEU A 170 -4.34 13.93 5.35
CA LEU A 170 -4.17 12.52 5.05
C LEU A 170 -5.46 11.74 5.24
N ALA A 171 -6.51 12.43 5.70
CA ALA A 171 -7.80 11.79 5.92
C ALA A 171 -8.91 12.52 5.16
N GLY A 172 -8.52 13.30 4.16
CA GLY A 172 -9.50 14.04 3.37
C GLY A 172 -10.49 13.13 2.68
N THR A 173 -11.64 13.68 2.33
CA THR A 173 -12.68 12.91 1.65
C THR A 173 -13.25 13.64 0.45
N VAL A 174 -14.16 12.99 -0.25
CA VAL A 174 -14.79 13.56 -1.42
C VAL A 174 -15.45 14.89 -1.09
N LYS A 175 -15.97 15.02 0.13
CA LYS A 175 -16.62 16.24 0.56
C LYS A 175 -15.65 17.40 0.58
N ASP A 176 -14.36 17.10 0.48
CA ASP A 176 -13.35 18.15 0.51
C ASP A 176 -12.92 18.65 -0.86
N ILE A 177 -13.61 18.23 -1.91
CA ILE A 177 -13.29 18.69 -3.25
C ILE A 177 -13.85 20.10 -3.39
N THR A 178 -13.04 21.01 -3.93
CA THR A 178 -13.46 22.40 -4.08
C THR A 178 -13.86 22.75 -5.52
N SER A 179 -13.42 21.92 -6.47
CA SER A 179 -13.74 22.14 -7.88
C SER A 179 -13.69 20.85 -8.67
N ASN A 180 -14.74 20.60 -9.45
CA ASN A 180 -14.85 19.40 -10.28
C ASN A 180 -15.22 19.82 -11.70
N PRO A 181 -14.30 20.50 -12.39
CA PRO A 181 -14.50 21.00 -13.76
C PRO A 181 -14.95 20.00 -14.81
N LYS A 182 -14.48 18.75 -14.70
CA LYS A 182 -14.86 17.73 -15.66
C LYS A 182 -16.13 16.99 -15.27
N HIS A 183 -16.80 17.47 -14.23
CA HIS A 183 -18.05 16.83 -13.79
C HIS A 183 -17.87 15.33 -13.61
N LEU A 184 -16.77 14.96 -12.98
CA LEU A 184 -16.48 13.57 -12.73
C LEU A 184 -17.47 12.97 -11.74
N LYS A 185 -17.88 11.73 -12.02
CA LYS A 185 -18.81 11.03 -11.13
C LYS A 185 -17.92 10.10 -10.33
N ILE A 186 -17.54 10.52 -9.12
CA ILE A 186 -16.64 9.73 -8.30
C ILE A 186 -17.33 8.78 -7.36
N THR A 187 -16.92 7.52 -7.40
CA THR A 187 -17.48 6.49 -6.54
C THR A 187 -16.33 5.78 -5.80
N ALA A 188 -16.51 5.57 -4.50
CA ALA A 188 -15.50 4.90 -3.71
C ALA A 188 -15.94 3.46 -3.44
N VAL A 189 -15.05 2.52 -3.72
CA VAL A 189 -15.34 1.11 -3.54
C VAL A 189 -14.21 0.47 -2.73
N ASP A 190 -14.37 -0.78 -2.33
CA ASP A 190 -13.30 -1.41 -1.58
C ASP A 190 -12.06 -1.43 -2.48
N ALA A 191 -10.91 -1.21 -1.86
CA ALA A 191 -9.64 -1.17 -2.58
C ALA A 191 -9.42 -2.33 -3.53
N GLN A 192 -9.88 -3.53 -3.17
CA GLN A 192 -9.69 -4.71 -4.03
C GLN A 192 -10.57 -4.74 -5.27
N GLN A 193 -11.53 -3.84 -5.35
CA GLN A 193 -12.45 -3.82 -6.47
C GLN A 193 -12.28 -2.70 -7.49
N THR A 194 -11.27 -1.86 -7.32
CA THR A 194 -11.09 -0.74 -8.24
C THR A 194 -10.66 -1.19 -9.63
N ALA A 195 -9.87 -2.26 -9.71
CA ALA A 195 -9.41 -2.77 -10.99
C ALA A 195 -10.56 -3.38 -11.79
N ARG A 196 -11.33 -4.26 -11.15
CA ARG A 196 -12.46 -4.89 -11.79
C ARG A 196 -13.41 -3.87 -12.40
N ALA A 197 -13.53 -2.71 -11.75
CA ALA A 197 -14.43 -1.66 -12.21
C ALA A 197 -14.05 -1.02 -13.54
N LEU A 198 -12.79 -1.15 -13.94
CA LEU A 198 -12.30 -0.55 -15.19
C LEU A 198 -13.21 -0.68 -16.40
N SER A 199 -13.85 -1.84 -16.53
CA SER A 199 -14.73 -2.10 -17.67
C SER A 199 -16.02 -1.27 -17.62
N ASP A 200 -16.43 -0.89 -16.42
CA ASP A 200 -17.66 -0.13 -16.28
C ASP A 200 -17.47 1.36 -16.04
N VAL A 201 -16.24 1.81 -15.92
CA VAL A 201 -15.99 3.23 -15.68
C VAL A 201 -14.94 3.76 -16.63
N ASP A 202 -14.72 5.07 -16.57
CA ASP A 202 -13.73 5.72 -17.41
C ASP A 202 -12.31 5.61 -16.84
N ILE A 203 -12.17 5.92 -15.55
CA ILE A 203 -10.85 5.80 -14.91
C ILE A 203 -10.99 5.23 -13.51
N ALA A 204 -9.91 4.59 -13.06
CA ALA A 204 -9.91 4.01 -11.73
C ALA A 204 -8.56 4.25 -11.10
N VAL A 205 -8.56 4.57 -9.81
CA VAL A 205 -7.32 4.77 -9.09
C VAL A 205 -7.13 3.43 -8.41
N ILE A 206 -6.06 2.73 -8.78
CA ILE A 206 -5.80 1.40 -8.25
C ILE A 206 -4.49 1.24 -7.50
N ASN A 207 -4.57 0.62 -6.33
CA ASN A 207 -3.39 0.35 -5.53
C ASN A 207 -2.49 -0.61 -6.33
N ASN A 208 -1.19 -0.36 -6.23
CA ASN A 208 -0.17 -1.14 -6.90
C ASN A 208 -0.38 -2.67 -6.81
N GLY A 209 -0.58 -3.17 -5.59
CA GLY A 209 -0.78 -4.59 -5.41
C GLY A 209 -2.06 -5.13 -6.02
N VAL A 210 -3.09 -4.28 -6.04
CA VAL A 210 -4.37 -4.69 -6.62
C VAL A 210 -4.23 -4.71 -8.14
N ALA A 211 -3.48 -3.75 -8.67
CA ALA A 211 -3.24 -3.68 -10.10
C ALA A 211 -2.47 -4.92 -10.58
N THR A 212 -1.40 -5.26 -9.88
CA THR A 212 -0.61 -6.44 -10.27
C THR A 212 -1.40 -7.73 -10.04
N LYS A 213 -2.30 -7.69 -9.08
CA LYS A 213 -3.15 -8.84 -8.77
C LYS A 213 -4.00 -9.07 -10.01
N ALA A 214 -4.36 -7.98 -10.68
CA ALA A 214 -5.17 -8.05 -11.91
C ALA A 214 -4.30 -8.28 -13.15
N GLY A 215 -3.03 -8.58 -12.96
CA GLY A 215 -2.15 -8.81 -14.08
C GLY A 215 -1.72 -7.55 -14.81
N LYS A 216 -1.79 -6.41 -14.14
CA LYS A 216 -1.40 -5.14 -14.75
C LYS A 216 0.00 -4.76 -14.35
N ASP A 217 0.60 -3.87 -15.14
CA ASP A 217 1.95 -3.37 -14.90
C ASP A 217 1.77 -2.03 -14.20
N PRO A 218 1.97 -2.00 -12.87
CA PRO A 218 1.82 -0.80 -12.04
C PRO A 218 2.79 0.34 -12.34
N LYS A 219 3.73 0.07 -13.24
CA LYS A 219 4.70 1.08 -13.63
C LYS A 219 4.31 1.66 -14.98
N ASN A 220 4.12 0.77 -15.95
CA ASN A 220 3.81 1.23 -17.30
C ASN A 220 2.36 1.31 -17.74
N ASP A 221 1.45 0.61 -17.06
CA ASP A 221 0.05 0.67 -17.46
C ASP A 221 -0.72 1.94 -17.02
N PRO A 222 -0.38 2.52 -15.85
CA PRO A 222 -1.12 3.73 -15.45
C PRO A 222 -1.03 4.86 -16.47
N ILE A 223 -2.09 5.67 -16.55
CA ILE A 223 -2.07 6.81 -17.45
C ILE A 223 -1.51 8.00 -16.68
N PHE A 224 -1.31 7.81 -15.36
CA PHE A 224 -0.74 8.85 -14.51
C PHE A 224 -0.21 8.15 -13.25
N LEU A 225 1.05 8.43 -12.91
CA LEU A 225 1.71 7.83 -11.75
C LEU A 225 1.94 8.80 -10.60
N GLU A 226 1.72 8.31 -9.39
CA GLU A 226 1.90 9.10 -8.18
C GLU A 226 3.38 9.41 -7.97
N LYS A 227 3.68 10.67 -7.64
CA LYS A 227 5.05 11.09 -7.39
C LYS A 227 5.55 10.31 -6.18
N SER A 228 6.75 9.74 -6.26
CA SER A 228 7.24 8.95 -5.14
C SER A 228 8.70 9.21 -4.80
N ASN A 229 9.13 10.46 -4.87
CA ASN A 229 10.51 10.79 -4.56
C ASN A 229 10.68 11.97 -3.62
N SER A 230 9.65 12.28 -2.83
CA SER A 230 9.72 13.38 -1.88
C SER A 230 9.07 12.97 -0.56
N ASP A 231 9.11 13.83 0.44
CA ASP A 231 8.53 13.51 1.75
C ASP A 231 7.03 13.26 1.73
N ALA A 232 6.35 13.81 0.74
CA ALA A 232 4.91 13.66 0.62
C ALA A 232 4.46 12.19 0.59
N VAL A 233 5.30 11.33 0.03
CA VAL A 233 4.96 9.93 -0.11
C VAL A 233 5.34 9.05 1.09
N LYS A 234 5.99 9.64 2.10
CA LYS A 234 6.41 8.88 3.27
C LYS A 234 5.32 8.09 4.00
N PRO A 235 4.12 8.68 4.13
CA PRO A 235 3.04 7.96 4.82
C PRO A 235 2.63 6.69 4.10
N TYR A 236 3.00 6.58 2.83
CA TYR A 236 2.63 5.42 2.03
C TYR A 236 3.71 4.35 1.86
N ILE A 237 4.80 4.48 2.61
CA ILE A 237 5.86 3.47 2.55
C ILE A 237 5.24 2.23 3.20
N ASN A 238 5.39 1.06 2.56
CA ASN A 238 4.84 -0.17 3.12
C ASN A 238 5.71 -0.68 4.25
N ILE A 239 5.09 -1.44 5.15
CA ILE A 239 5.80 -1.92 6.33
C ILE A 239 5.56 -3.38 6.70
N VAL A 240 6.44 -3.87 7.57
CA VAL A 240 6.29 -5.21 8.13
C VAL A 240 5.79 -4.80 9.52
N ALA A 241 4.60 -5.26 9.88
CA ALA A 241 4.00 -4.91 11.16
C ALA A 241 3.98 -6.09 12.12
N VAL A 242 4.12 -5.79 13.41
CA VAL A 242 4.07 -6.80 14.46
C VAL A 242 3.38 -6.21 15.68
N ASN A 243 2.99 -7.07 16.62
CA ASN A 243 2.36 -6.62 17.85
C ASN A 243 3.45 -5.92 18.63
N ASP A 244 3.12 -4.79 19.25
CA ASP A 244 4.09 -4.01 20.02
C ASP A 244 4.97 -4.84 20.95
N LYS A 245 4.38 -5.83 21.60
CA LYS A 245 5.13 -6.69 22.51
C LYS A 245 6.26 -7.45 21.83
N ASP A 246 6.17 -7.61 20.51
CA ASP A 246 7.20 -8.36 19.78
C ASP A 246 8.20 -7.49 19.02
N LEU A 247 8.13 -6.18 19.21
CA LEU A 247 9.04 -5.28 18.52
C LEU A 247 10.53 -5.61 18.72
N ASP A 248 10.86 -6.27 19.82
CA ASP A 248 12.25 -6.63 20.07
C ASP A 248 12.56 -8.10 19.87
N ASN A 249 11.60 -8.84 19.30
CA ASN A 249 11.80 -10.26 19.05
C ASN A 249 13.01 -10.45 18.14
N LYS A 250 13.94 -11.30 18.57
CA LYS A 250 15.16 -11.56 17.80
C LYS A 250 14.95 -12.44 16.57
N THR A 251 13.89 -13.26 16.57
CA THR A 251 13.61 -14.12 15.44
C THR A 251 13.00 -13.25 14.35
N TYR A 252 12.13 -12.31 14.75
CA TYR A 252 11.50 -11.41 13.79
C TYR A 252 12.58 -10.50 13.24
N ALA A 253 13.51 -10.09 14.10
CA ALA A 253 14.61 -9.22 13.68
C ALA A 253 15.38 -9.93 12.56
N LYS A 254 15.65 -11.21 12.75
CA LYS A 254 16.38 -11.99 11.76
C LYS A 254 15.63 -12.02 10.44
N ILE A 255 14.32 -12.24 10.51
CA ILE A 255 13.48 -12.30 9.31
C ILE A 255 13.53 -11.02 8.47
N VAL A 256 13.42 -9.87 9.11
CA VAL A 256 13.46 -8.61 8.37
C VAL A 256 14.87 -8.36 7.87
N GLU A 257 15.85 -8.91 8.58
CA GLU A 257 17.25 -8.77 8.18
C GLU A 257 17.41 -9.50 6.85
N LEU A 258 16.92 -10.73 6.80
CA LEU A 258 17.00 -11.53 5.58
C LEU A 258 16.24 -10.86 4.44
N TYR A 259 15.07 -10.30 4.74
CA TYR A 259 14.27 -9.62 3.73
C TYR A 259 15.11 -8.53 3.06
N HIS A 260 15.88 -7.81 3.87
CA HIS A 260 16.69 -6.72 3.35
C HIS A 260 18.08 -7.12 2.85
N SER A 261 18.42 -8.40 2.97
CA SER A 261 19.71 -8.88 2.50
C SER A 261 19.74 -8.81 0.98
N LYS A 262 20.95 -8.78 0.42
CA LYS A 262 21.14 -8.70 -1.02
C LYS A 262 20.38 -9.76 -1.79
N GLU A 263 20.36 -10.98 -1.28
CA GLU A 263 19.68 -12.07 -1.97
C GLU A 263 18.17 -11.88 -2.11
N ALA A 264 17.50 -11.57 -1.00
CA ALA A 264 16.06 -11.37 -1.03
C ALA A 264 15.73 -10.14 -1.85
N GLN A 265 16.57 -9.12 -1.76
CA GLN A 265 16.37 -7.88 -2.50
C GLN A 265 16.52 -8.10 -4.00
N LYS A 266 17.39 -9.04 -4.39
CA LYS A 266 17.58 -9.31 -5.80
C LYS A 266 16.30 -10.01 -6.30
N ALA A 267 15.74 -10.88 -5.46
CA ALA A 267 14.52 -11.60 -5.79
C ALA A 267 13.36 -10.62 -5.95
N LEU A 268 13.28 -9.65 -5.05
CA LEU A 268 12.24 -8.63 -5.07
C LEU A 268 12.34 -7.80 -6.35
N GLN A 269 13.54 -7.37 -6.70
CA GLN A 269 13.73 -6.57 -7.90
C GLN A 269 13.35 -7.33 -9.17
N GLU A 270 13.65 -8.63 -9.20
CA GLU A 270 13.33 -9.42 -10.38
C GLU A 270 11.84 -9.70 -10.42
N ASP A 271 11.21 -9.62 -9.25
CA ASP A 271 9.79 -9.88 -9.16
C ASP A 271 8.92 -8.67 -9.53
N VAL A 272 9.24 -7.51 -8.97
CA VAL A 272 8.45 -6.32 -9.24
C VAL A 272 9.07 -5.34 -10.25
N LYS A 273 10.29 -5.62 -10.66
CA LYS A 273 11.00 -4.76 -11.61
C LYS A 273 11.01 -3.34 -11.06
N ASP A 274 10.57 -2.40 -11.88
CA ASP A 274 10.54 -0.99 -11.52
C ASP A 274 9.16 -0.55 -11.00
N GLY A 275 8.28 -1.52 -10.73
CA GLY A 275 6.94 -1.21 -10.25
C GLY A 275 6.90 -0.69 -8.82
N GLU A 276 7.89 -1.07 -8.02
CA GLU A 276 7.96 -0.62 -6.64
C GLU A 276 9.41 -0.22 -6.34
N LYS A 277 9.60 0.56 -5.27
CA LYS A 277 10.94 1.00 -4.89
C LYS A 277 11.24 0.48 -3.48
N PRO A 278 12.30 -0.32 -3.34
CA PRO A 278 12.62 -0.85 -2.02
C PRO A 278 12.97 0.30 -1.07
N VAL A 279 12.59 0.16 0.21
CA VAL A 279 12.88 1.16 1.22
C VAL A 279 13.28 0.43 2.51
N ASN A 280 14.35 0.86 3.15
CA ASN A 280 14.80 0.22 4.37
C ASN A 280 15.16 1.29 5.39
N LEU A 281 14.14 1.85 6.04
CA LEU A 281 14.34 2.90 7.03
C LEU A 281 14.91 2.38 8.34
N SER A 282 15.60 3.26 9.06
CA SER A 282 16.17 2.92 10.35
C SER A 282 15.00 2.91 11.33
N LYS A 283 15.21 2.36 12.52
CA LYS A 283 14.14 2.31 13.50
C LYS A 283 13.64 3.70 13.90
N ASP A 284 14.55 4.66 14.05
CA ASP A 284 14.12 6.00 14.42
C ASP A 284 13.31 6.66 13.31
N GLU A 285 13.69 6.42 12.06
CA GLU A 285 12.98 6.99 10.92
C GLU A 285 11.57 6.42 10.85
N ILE A 286 11.43 5.12 11.14
CA ILE A 286 10.14 4.46 11.14
C ILE A 286 9.23 5.09 12.20
N LYS A 287 9.75 5.19 13.43
CA LYS A 287 8.98 5.80 14.52
C LYS A 287 8.61 7.24 14.21
N ALA A 288 9.51 7.99 13.59
CA ALA A 288 9.26 9.38 13.26
C ALA A 288 7.98 9.51 12.44
N ILE A 289 7.84 8.65 11.44
CA ILE A 289 6.66 8.68 10.59
C ILE A 289 5.42 8.26 11.40
N GLU A 290 5.55 7.18 12.17
CA GLU A 290 4.43 6.73 12.98
C GLU A 290 3.94 7.84 13.92
N THR A 291 4.88 8.50 14.59
CA THR A 291 4.57 9.59 15.51
C THR A 291 3.91 10.76 14.79
N SER A 292 4.47 11.08 13.62
CA SER A 292 3.96 12.16 12.80
C SER A 292 2.51 11.96 12.39
N LEU A 293 2.14 10.72 12.05
CA LEU A 293 0.77 10.43 11.62
C LEU A 293 -0.26 10.41 12.73
N ALA A 294 0.20 10.07 13.93
CA ALA A 294 -0.70 10.03 15.08
C ALA A 294 -0.76 11.40 15.73
#